data_6RSX
#
_entry.id   6RSX
#
_cell.length_a   80.586
_cell.length_b   80.586
_cell.length_c   110.755
_cell.angle_alpha   90.000
_cell.angle_beta   90.000
_cell.angle_gamma   120.000
#
_symmetry.space_group_name_H-M   'P 61'
#
loop_
_entity.id
_entity.type
_entity.pdbx_description
1 polymer 'Regulatory Subunit of Protein Kinase A (cAMP-dependent) from Euglena gracilis'
2 non-polymer "ADENOSINE-3',5'-CYCLIC-MONOPHOSPHATE"
3 water water
#
_entity_poly.entity_id   1
_entity_poly.type   'polypeptide(L)'
_entity_poly.pdbx_seq_one_letter_code
;YVDRRRGVSSETTVEIHSPSKVVKKQLNPETKARIEKCLRGNILFRSLGEDSLEVVYSSMFEKTAEAGHFIMKQYDEGDN
FYVIESGTCNILIQPNPDAEPVHKSTIGPGASFGELALMYGTPRAASVQAVSNVRLWALDRDTFRRILLTQTMRKRRQYE
DFLAQVPLFEALTSYERMTMADALQPCTFKDKEIVVKEGEDGGSFYIIIDGKMKVNQTLNGRIHTINILGPKDFFGEMSL
MFNQPCVATVVSEGVSHCVSLDRESFTALLGPMEEILQRNMQNYSAPREEVQE
;
_entity_poly.pdbx_strand_id   A
#
loop_
_chem_comp.id
_chem_comp.type
_chem_comp.name
_chem_comp.formula
CMP non-polymer ADENOSINE-3',5'-CYCLIC-MONOPHOSPHATE 'C10 H12 N5 O6 P'
#
# COMPACT_ATOMS: atom_id res chain seq x y z
N VAL A 23 -12.62 -12.69 -32.66
CA VAL A 23 -13.62 -13.53 -32.02
C VAL A 23 -13.24 -13.85 -30.57
N LYS A 24 -13.53 -12.93 -29.64
CA LYS A 24 -13.24 -13.11 -28.23
C LYS A 24 -14.49 -12.93 -27.39
N LYS A 25 -14.53 -13.62 -26.24
CA LYS A 25 -15.71 -13.58 -25.38
C LYS A 25 -15.84 -12.20 -24.75
N GLN A 26 -17.03 -11.65 -24.80
CA GLN A 26 -17.28 -10.30 -24.29
C GLN A 26 -17.44 -10.32 -22.78
N LEU A 27 -16.83 -9.35 -22.11
CA LEU A 27 -17.16 -9.10 -20.72
C LEU A 27 -18.65 -8.82 -20.58
N ASN A 28 -19.17 -9.11 -19.40
CA ASN A 28 -20.49 -8.65 -18.98
C ASN A 28 -20.28 -7.26 -18.41
N PRO A 29 -20.78 -6.19 -19.06
CA PRO A 29 -20.44 -4.84 -18.58
C PRO A 29 -20.89 -4.61 -17.15
N GLU A 30 -21.95 -5.29 -16.70
CA GLU A 30 -22.45 -5.11 -15.34
C GLU A 30 -21.53 -5.77 -14.32
N THR A 31 -21.09 -7.00 -14.60
CA THR A 31 -20.10 -7.63 -13.74
C THR A 31 -18.81 -6.85 -13.73
N LYS A 32 -18.37 -6.36 -14.89
CA LYS A 32 -17.18 -5.53 -14.91
C LYS A 32 -17.33 -4.34 -13.97
N ALA A 33 -18.48 -3.68 -14.03
CA ALA A 33 -18.68 -2.50 -13.18
C ALA A 33 -18.61 -2.90 -11.72
N ARG A 34 -19.26 -4.01 -11.37
CA ARG A 34 -19.25 -4.52 -10.00
C ARG A 34 -17.85 -4.86 -9.52
N ILE A 35 -17.07 -5.57 -10.35
CA ILE A 35 -15.70 -5.86 -9.96
C ILE A 35 -14.89 -4.59 -9.80
N GLU A 36 -15.05 -3.65 -10.75
CA GLU A 36 -14.33 -2.39 -10.67
C GLU A 36 -14.61 -1.67 -9.35
N LYS A 37 -15.87 -1.69 -8.91
CA LYS A 37 -16.22 -1.01 -7.65
C LYS A 37 -15.45 -1.62 -6.48
N CYS A 38 -15.39 -2.95 -6.47
CA CYS A 38 -14.67 -3.67 -5.43
C CYS A 38 -13.16 -3.40 -5.51
N LEU A 39 -12.58 -3.39 -6.72
CA LEU A 39 -11.13 -3.28 -6.88
C LEU A 39 -10.62 -1.86 -6.77
N ARG A 40 -11.50 -0.86 -6.73
CA ARG A 40 -11.04 0.50 -6.62
C ARG A 40 -10.24 0.62 -5.32
N GLY A 41 -9.09 1.26 -5.43
CA GLY A 41 -8.28 1.46 -4.24
C GLY A 41 -7.41 0.29 -3.84
N ASN A 42 -7.61 -0.92 -4.40
CA ASN A 42 -6.65 -1.98 -4.12
C ASN A 42 -5.41 -1.78 -4.98
N ILE A 43 -4.23 -1.66 -4.36
CA ILE A 43 -3.10 -1.21 -5.15
C ILE A 43 -2.62 -2.28 -6.12
N LEU A 44 -2.79 -3.56 -5.78
CA LEU A 44 -2.31 -4.61 -6.69
C LEU A 44 -3.01 -4.56 -8.03
N PHE A 45 -4.29 -4.19 -8.06
CA PHE A 45 -5.01 -4.14 -9.31
C PHE A 45 -4.89 -2.80 -10.00
N ARG A 46 -4.71 -1.71 -9.23
CA ARG A 46 -4.55 -0.40 -9.85
C ARG A 46 -3.40 -0.39 -10.85
N SER A 47 -2.36 -1.20 -10.61
CA SER A 47 -1.17 -1.17 -11.47
C SER A 47 -1.42 -1.83 -12.83
N LEU A 48 -2.24 -2.88 -12.86
CA LEU A 48 -2.46 -3.62 -14.11
C LEU A 48 -2.85 -2.68 -15.24
N GLY A 49 -2.30 -2.95 -16.43
CA GLY A 49 -2.74 -2.29 -17.63
C GLY A 49 -4.04 -2.87 -18.14
N GLU A 50 -4.49 -2.33 -19.27
CA GLU A 50 -5.85 -2.57 -19.73
C GLU A 50 -6.08 -4.01 -20.18
N ASP A 51 -5.07 -4.61 -20.84
CA ASP A 51 -5.23 -5.98 -21.31
C ASP A 51 -5.38 -6.96 -20.16
N SER A 52 -4.54 -6.80 -19.13
CA SER A 52 -4.68 -7.63 -17.94
C SER A 52 -6.00 -7.36 -17.24
N LEU A 53 -6.45 -6.10 -17.22
CA LEU A 53 -7.74 -5.81 -16.59
C LEU A 53 -8.86 -6.55 -17.28
N GLU A 54 -8.80 -6.64 -18.62
CA GLU A 54 -9.78 -7.43 -19.34
C GLU A 54 -9.78 -8.87 -18.85
N VAL A 55 -8.60 -9.41 -18.54
CA VAL A 55 -8.54 -10.78 -18.01
C VAL A 55 -9.21 -10.85 -16.64
N VAL A 56 -8.91 -9.87 -15.79
CA VAL A 56 -9.52 -9.83 -14.47
C VAL A 56 -11.04 -9.78 -14.60
N TYR A 57 -11.56 -8.88 -15.44
CA TYR A 57 -13.00 -8.69 -15.47
C TYR A 57 -13.74 -9.88 -16.06
N SER A 58 -13.06 -10.70 -16.87
CA SER A 58 -13.71 -11.89 -17.39
C SER A 58 -13.47 -13.14 -16.54
N SER A 59 -12.43 -13.14 -15.71
CA SER A 59 -12.00 -14.32 -14.96
C SER A 59 -12.42 -14.33 -13.49
N MET A 60 -12.52 -13.18 -12.81
CA MET A 60 -12.81 -13.24 -11.39
C MET A 60 -14.17 -13.88 -11.14
N PHE A 61 -14.26 -14.65 -10.07
CA PHE A 61 -15.51 -15.31 -9.69
C PHE A 61 -15.87 -15.05 -8.23
N GLU A 62 -17.16 -15.22 -7.94
CA GLU A 62 -17.72 -14.91 -6.62
C GLU A 62 -17.54 -16.09 -5.67
N LYS A 63 -17.23 -15.77 -4.42
CA LYS A 63 -17.21 -16.75 -3.34
C LYS A 63 -17.85 -16.08 -2.14
N THR A 64 -18.63 -16.81 -1.37
CA THR A 64 -19.21 -16.29 -0.14
C THR A 64 -18.75 -17.17 1.01
N ALA A 65 -18.82 -16.61 2.22
CA ALA A 65 -18.48 -17.32 3.43
C ALA A 65 -19.41 -16.83 4.53
N GLU A 66 -20.01 -17.77 5.27
CA GLU A 66 -20.84 -17.38 6.40
C GLU A 66 -19.98 -16.94 7.57
N ALA A 67 -20.54 -16.04 8.39
CA ALA A 67 -19.87 -15.61 9.61
C ALA A 67 -19.27 -16.78 10.36
N GLY A 68 -17.99 -16.66 10.71
CA GLY A 68 -17.28 -17.66 11.47
C GLY A 68 -16.58 -18.74 10.64
N HIS A 69 -16.85 -18.82 9.36
N HIS A 69 -16.90 -18.85 9.36
CA HIS A 69 -16.23 -19.85 8.54
CA HIS A 69 -16.24 -19.81 8.47
C HIS A 69 -14.88 -19.39 7.99
C HIS A 69 -14.81 -19.37 8.16
N PHE A 70 -13.94 -20.35 7.90
CA PHE A 70 -12.60 -20.06 7.40
C PHE A 70 -12.59 -20.11 5.88
N ILE A 71 -12.13 -19.02 5.27
CA ILE A 71 -11.92 -18.99 3.83
C ILE A 71 -10.67 -19.78 3.45
N MET A 72 -9.66 -19.71 4.30
CA MET A 72 -8.44 -20.51 4.17
C MET A 72 -7.85 -20.71 5.55
N LYS A 73 -7.12 -21.81 5.70
CA LYS A 73 -6.43 -22.09 6.95
C LYS A 73 -4.92 -22.02 6.73
N GLN A 74 -4.24 -21.50 7.74
CA GLN A 74 -2.79 -21.47 7.73
C GLN A 74 -2.28 -22.88 7.41
N TYR A 75 -1.18 -22.92 6.69
CA TYR A 75 -0.55 -24.16 6.17
C TYR A 75 -1.29 -24.87 5.03
N ASP A 76 -2.51 -24.44 4.64
CA ASP A 76 -3.14 -25.03 3.44
C ASP A 76 -2.27 -24.84 2.18
N GLU A 77 -2.41 -25.77 1.21
CA GLU A 77 -1.88 -25.48 -0.12
C GLU A 77 -2.65 -24.32 -0.74
N GLY A 78 -1.96 -23.40 -1.41
CA GLY A 78 -2.64 -22.26 -2.05
C GLY A 78 -3.53 -22.68 -3.22
N ASP A 79 -4.67 -22.02 -3.35
CA ASP A 79 -5.51 -22.18 -4.56
C ASP A 79 -5.83 -20.83 -5.18
N ASN A 80 -6.48 -19.94 -4.42
CA ASN A 80 -6.99 -18.68 -4.98
C ASN A 80 -6.38 -17.45 -4.31
N PHE A 81 -6.52 -16.32 -5.01
CA PHE A 81 -6.28 -14.99 -4.50
C PHE A 81 -7.63 -14.27 -4.37
N TYR A 82 -7.83 -13.54 -3.26
CA TYR A 82 -9.16 -13.01 -2.94
C TYR A 82 -9.13 -11.50 -2.75
N VAL A 83 -10.22 -10.85 -3.14
CA VAL A 83 -10.50 -9.46 -2.70
C VAL A 83 -11.86 -9.43 -2.01
N ILE A 84 -11.95 -8.75 -0.86
CA ILE A 84 -13.21 -8.68 -0.14
C ILE A 84 -14.13 -7.69 -0.84
N GLU A 85 -15.38 -8.11 -1.09
CA GLU A 85 -16.42 -7.22 -1.56
C GLU A 85 -17.27 -6.69 -0.40
N SER A 86 -17.70 -7.59 0.50
CA SER A 86 -18.53 -7.24 1.67
C SER A 86 -18.03 -7.99 2.89
N GLY A 87 -18.20 -7.39 4.06
CA GLY A 87 -17.90 -8.07 5.30
C GLY A 87 -16.49 -7.80 5.75
N THR A 88 -16.12 -8.36 6.90
CA THR A 88 -14.77 -8.25 7.39
C THR A 88 -14.25 -9.66 7.71
N CYS A 89 -12.93 -9.80 7.72
CA CYS A 89 -12.25 -11.06 7.98
C CYS A 89 -11.13 -10.84 8.98
N ASN A 90 -10.91 -11.83 9.85
CA ASN A 90 -9.78 -11.79 10.77
C ASN A 90 -8.61 -12.57 10.19
N ILE A 91 -7.42 -11.98 10.28
CA ILE A 91 -6.17 -12.65 9.95
C ILE A 91 -5.64 -13.24 11.25
N LEU A 92 -5.49 -14.57 11.28
CA LEU A 92 -5.05 -15.30 12.46
C LEU A 92 -3.78 -16.07 12.13
N ILE A 93 -2.77 -16.00 13.00
CA ILE A 93 -1.51 -16.68 12.73
C ILE A 93 -1.09 -17.49 13.95
N GLN A 94 -0.85 -18.79 13.73
CA GLN A 94 -0.30 -19.64 14.78
C GLN A 94 1.22 -19.61 14.72
N PRO A 95 1.87 -19.76 15.86
CA PRO A 95 3.34 -19.84 15.86
C PRO A 95 3.84 -21.19 15.43
N ASN A 96 2.99 -22.18 15.48
CA ASN A 96 3.30 -23.52 14.97
C ASN A 96 2.00 -24.31 14.92
N PRO A 97 1.99 -25.47 14.24
CA PRO A 97 0.72 -26.15 13.99
C PRO A 97 0.08 -26.69 15.24
N ASP A 98 0.84 -26.87 16.30
CA ASP A 98 0.27 -27.38 17.53
C ASP A 98 -0.22 -26.28 18.47
N ALA A 99 -0.28 -25.03 18.01
CA ALA A 99 -0.53 -23.90 18.88
C ALA A 99 -1.74 -23.11 18.40
N GLU A 100 -2.35 -22.34 19.32
CA GLU A 100 -3.56 -21.60 19.01
C GLU A 100 -3.25 -20.40 18.11
N PRO A 101 -4.17 -20.06 17.21
CA PRO A 101 -3.96 -18.87 16.36
C PRO A 101 -4.09 -17.61 17.20
N VAL A 102 -3.30 -16.61 16.82
CA VAL A 102 -3.33 -15.28 17.41
C VAL A 102 -3.93 -14.30 16.40
N HIS A 103 -4.87 -13.48 16.87
N HIS A 103 -4.87 -13.47 16.85
CA HIS A 103 -5.38 -12.40 16.03
CA HIS A 103 -5.50 -12.47 15.98
C HIS A 103 -4.26 -11.44 15.67
C HIS A 103 -4.51 -11.34 15.67
N LYS A 104 -4.17 -11.15 14.39
CA LYS A 104 -3.17 -10.21 13.89
C LYS A 104 -3.78 -8.91 13.36
N SER A 105 -4.87 -8.99 12.59
CA SER A 105 -5.50 -7.80 12.03
C SER A 105 -6.87 -8.19 11.52
N THR A 106 -7.67 -7.18 11.23
CA THR A 106 -8.98 -7.35 10.62
C THR A 106 -8.97 -6.59 9.31
N ILE A 107 -9.49 -7.22 8.24
CA ILE A 107 -9.51 -6.59 6.92
C ILE A 107 -10.95 -6.50 6.42
N GLY A 108 -11.15 -5.63 5.45
CA GLY A 108 -12.49 -5.42 4.94
C GLY A 108 -12.55 -5.15 3.46
N PRO A 109 -13.66 -4.58 2.99
CA PRO A 109 -13.85 -4.33 1.55
C PRO A 109 -12.63 -3.67 0.89
N GLY A 110 -12.25 -4.21 -0.27
CA GLY A 110 -11.11 -3.77 -1.03
C GLY A 110 -9.79 -4.42 -0.64
N ALA A 111 -9.72 -5.03 0.53
CA ALA A 111 -8.48 -5.68 0.92
C ALA A 111 -8.33 -7.00 0.16
N SER A 112 -7.10 -7.31 -0.17
CA SER A 112 -6.87 -8.61 -0.79
C SER A 112 -6.07 -9.48 0.16
N PHE A 113 -6.14 -10.79 -0.10
CA PHE A 113 -5.36 -11.78 0.65
C PHE A 113 -5.18 -13.04 -0.19
N GLY A 114 -4.10 -13.74 0.10
CA GLY A 114 -3.84 -15.05 -0.48
C GLY A 114 -2.80 -15.04 -1.57
N GLU A 115 -2.03 -13.97 -1.70
CA GLU A 115 -1.07 -13.88 -2.79
C GLU A 115 0.22 -14.66 -2.48
N LEU A 116 0.60 -14.80 -1.21
CA LEU A 116 1.94 -15.33 -0.89
C LEU A 116 2.07 -16.77 -1.38
N ALA A 117 1.06 -17.59 -1.10
CA ALA A 117 1.13 -19.01 -1.53
C ALA A 117 1.22 -19.12 -3.05
N LEU A 118 0.49 -18.26 -3.77
CA LEU A 118 0.49 -18.30 -5.21
C LEU A 118 1.80 -17.75 -5.79
N MET A 119 2.47 -16.83 -5.09
N MET A 119 2.44 -16.81 -5.10
CA MET A 119 3.71 -16.23 -5.60
CA MET A 119 3.69 -16.27 -5.61
C MET A 119 4.97 -17.01 -5.25
C MET A 119 4.87 -17.18 -5.31
N TYR A 120 5.03 -17.58 -4.05
CA TYR A 120 6.24 -18.21 -3.58
C TYR A 120 6.11 -19.73 -3.44
N GLY A 121 4.94 -20.29 -3.71
CA GLY A 121 4.75 -21.72 -3.55
C GLY A 121 4.79 -22.23 -2.12
N THR A 122 4.62 -21.35 -1.14
CA THR A 122 4.64 -21.66 0.29
C THR A 122 3.23 -22.06 0.75
N PRO A 123 3.09 -22.85 1.80
CA PRO A 123 1.77 -23.05 2.41
C PRO A 123 1.24 -21.71 2.90
N ARG A 124 -0.10 -21.62 3.02
CA ARG A 124 -0.68 -20.35 3.56
C ARG A 124 -0.01 -19.91 4.85
N ALA A 125 0.28 -18.61 4.97
CA ALA A 125 0.94 -18.05 6.16
C ALA A 125 -0.01 -17.65 7.29
N ALA A 126 -1.32 -17.66 7.04
CA ALA A 126 -2.29 -17.24 8.03
C ALA A 126 -3.60 -17.92 7.71
N SER A 127 -4.44 -18.06 8.73
CA SER A 127 -5.84 -18.36 8.50
C SER A 127 -6.60 -17.06 8.27
N VAL A 128 -7.68 -17.13 7.48
CA VAL A 128 -8.53 -15.96 7.25
C VAL A 128 -9.96 -16.38 7.56
N GLN A 129 -10.56 -15.77 8.58
CA GLN A 129 -11.86 -16.20 9.07
C GLN A 129 -12.90 -15.10 8.87
N ALA A 130 -14.05 -15.45 8.30
CA ALA A 130 -15.11 -14.47 8.13
C ALA A 130 -15.60 -14.05 9.52
N VAL A 131 -15.72 -12.74 9.75
CA VAL A 131 -16.29 -12.26 11.01
C VAL A 131 -17.79 -12.11 10.82
N SER A 132 -18.19 -11.30 9.85
CA SER A 132 -19.55 -11.22 9.35
C SER A 132 -19.73 -12.26 8.25
N ASN A 133 -20.92 -12.33 7.68
CA ASN A 133 -21.02 -12.94 6.35
C ASN A 133 -20.17 -12.13 5.40
N VAL A 134 -19.51 -12.80 4.47
CA VAL A 134 -18.54 -12.14 3.60
C VAL A 134 -18.85 -12.49 2.14
N ARG A 135 -18.67 -11.52 1.28
CA ARG A 135 -18.68 -11.71 -0.17
C ARG A 135 -17.28 -11.40 -0.70
N LEU A 136 -16.77 -12.26 -1.60
CA LEU A 136 -15.42 -12.09 -2.12
C LEU A 136 -15.45 -12.21 -3.64
N TRP A 137 -14.46 -11.59 -4.29
CA TRP A 137 -14.12 -11.91 -5.68
C TRP A 137 -12.79 -12.63 -5.68
N ALA A 138 -12.64 -13.68 -6.51
CA ALA A 138 -11.46 -14.52 -6.42
C ALA A 138 -10.85 -14.72 -7.81
N LEU A 139 -9.53 -14.80 -7.86
CA LEU A 139 -8.78 -15.26 -9.03
C LEU A 139 -8.15 -16.61 -8.73
N ASP A 140 -8.19 -17.50 -9.71
CA ASP A 140 -7.54 -18.77 -9.47
C ASP A 140 -6.02 -18.67 -9.69
N ARG A 141 -5.32 -19.77 -9.40
CA ARG A 141 -3.86 -19.71 -9.37
C ARG A 141 -3.31 -19.40 -10.75
N ASP A 142 -3.81 -20.09 -11.78
CA ASP A 142 -3.27 -19.89 -13.13
C ASP A 142 -3.47 -18.46 -13.60
N THR A 143 -4.65 -17.88 -13.29
CA THR A 143 -4.89 -16.50 -13.69
C THR A 143 -4.00 -15.53 -12.92
N PHE A 144 -3.87 -15.75 -11.61
CA PHE A 144 -2.98 -14.94 -10.79
C PHE A 144 -1.56 -14.97 -11.37
N ARG A 145 -1.06 -16.17 -11.67
CA ARG A 145 0.29 -16.34 -12.19
C ARG A 145 0.48 -15.59 -13.51
N ARG A 146 -0.57 -15.51 -14.34
N ARG A 146 -0.55 -15.58 -14.36
CA ARG A 146 -0.45 -14.90 -15.66
CA ARG A 146 -0.43 -14.88 -15.63
C ARG A 146 -0.51 -13.36 -15.63
C ARG A 146 -0.29 -13.37 -15.46
N ILE A 147 -1.14 -12.75 -14.63
CA ILE A 147 -1.27 -11.29 -14.64
C ILE A 147 -0.69 -10.56 -13.42
N LEU A 148 -0.51 -11.22 -12.29
CA LEU A 148 -0.05 -10.51 -11.09
C LEU A 148 1.30 -10.98 -10.55
N LEU A 149 1.71 -12.23 -10.81
CA LEU A 149 2.81 -12.81 -10.04
C LEU A 149 4.13 -12.07 -10.30
N THR A 150 4.47 -11.84 -11.58
N THR A 150 4.48 -11.83 -11.57
CA THR A 150 5.80 -11.35 -11.92
CA THR A 150 5.83 -11.37 -11.88
C THR A 150 6.06 -9.96 -11.36
C THR A 150 6.08 -9.95 -11.38
N GLN A 151 5.19 -9.01 -11.69
CA GLN A 151 5.45 -7.64 -11.27
C GLN A 151 5.27 -7.47 -9.76
N THR A 152 4.40 -8.28 -9.13
CA THR A 152 4.26 -8.15 -7.68
C THR A 152 5.51 -8.63 -6.96
N MET A 153 6.03 -9.80 -7.37
CA MET A 153 7.26 -10.31 -6.77
C MET A 153 8.42 -9.36 -6.99
N ARG A 154 8.56 -8.82 -8.20
CA ARG A 154 9.68 -7.93 -8.50
C ARG A 154 9.66 -6.68 -7.62
N LYS A 155 8.50 -6.02 -7.52
CA LYS A 155 8.39 -4.78 -6.75
C LYS A 155 8.74 -5.02 -5.29
N ARG A 156 8.27 -6.13 -4.72
CA ARG A 156 8.56 -6.38 -3.31
C ARG A 156 10.05 -6.62 -3.12
N ARG A 157 10.66 -7.40 -4.02
N ARG A 157 10.67 -7.37 -4.03
CA ARG A 157 12.09 -7.65 -3.96
CA ARG A 157 12.10 -7.65 -3.94
C ARG A 157 12.88 -6.35 -4.09
C ARG A 157 12.92 -6.39 -4.13
N GLN A 158 12.51 -5.53 -5.07
CA GLN A 158 13.30 -4.35 -5.36
C GLN A 158 13.33 -3.36 -4.21
N TYR A 159 12.30 -3.33 -3.37
CA TYR A 159 12.27 -2.34 -2.30
C TYR A 159 12.57 -2.92 -0.92
N GLU A 160 12.95 -4.20 -0.85
CA GLU A 160 13.13 -4.83 0.46
C GLU A 160 14.25 -4.16 1.24
N ASP A 161 15.44 -4.03 0.64
CA ASP A 161 16.54 -3.39 1.35
C ASP A 161 16.18 -1.99 1.81
N PHE A 162 15.57 -1.19 0.92
CA PHE A 162 15.20 0.18 1.28
C PHE A 162 14.32 0.21 2.51
N LEU A 163 13.24 -0.58 2.50
CA LEU A 163 12.29 -0.54 3.61
C LEU A 163 12.91 -1.04 4.91
N ALA A 164 13.88 -1.94 4.82
CA ALA A 164 14.53 -2.43 6.03
C ALA A 164 15.50 -1.41 6.64
N GLN A 165 16.01 -0.45 5.86
CA GLN A 165 17.04 0.45 6.36
C GLN A 165 16.58 1.91 6.45
N VAL A 166 15.30 2.21 6.26
CA VAL A 166 14.78 3.57 6.41
C VAL A 166 14.16 3.69 7.79
N PRO A 167 14.63 4.60 8.65
CA PRO A 167 14.10 4.65 10.02
C PRO A 167 12.59 4.78 10.09
N LEU A 168 11.98 5.46 9.12
CA LEU A 168 10.54 5.64 9.13
C LEU A 168 9.82 4.30 9.24
N PHE A 169 10.38 3.27 8.63
CA PHE A 169 9.71 1.98 8.53
C PHE A 169 10.16 0.98 9.59
N GLU A 170 10.85 1.45 10.64
CA GLU A 170 11.48 0.53 11.58
C GLU A 170 10.46 -0.40 12.23
N ALA A 171 9.26 0.10 12.51
CA ALA A 171 8.26 -0.62 13.29
C ALA A 171 7.37 -1.50 12.41
N LEU A 172 7.54 -1.49 11.10
CA LEU A 172 6.72 -2.36 10.26
C LEU A 172 7.13 -3.82 10.43
N THR A 173 6.13 -4.71 10.49
CA THR A 173 6.40 -6.13 10.41
C THR A 173 6.87 -6.52 9.01
N SER A 174 7.37 -7.75 8.90
CA SER A 174 7.81 -8.23 7.60
C SER A 174 6.70 -8.16 6.55
N TYR A 175 5.46 -8.53 6.92
CA TYR A 175 4.41 -8.48 5.92
C TYR A 175 3.99 -7.03 5.63
N GLU A 176 4.01 -6.18 6.66
CA GLU A 176 3.76 -4.76 6.45
C GLU A 176 4.77 -4.15 5.48
N ARG A 177 6.04 -4.59 5.53
CA ARG A 177 7.01 -4.15 4.53
C ARG A 177 6.58 -4.52 3.12
N MET A 178 6.04 -5.73 2.93
N MET A 178 6.03 -5.73 2.92
CA MET A 178 5.62 -6.15 1.60
CA MET A 178 5.64 -6.13 1.58
C MET A 178 4.49 -5.27 1.08
C MET A 178 4.48 -5.27 1.07
N THR A 179 3.50 -4.98 1.92
CA THR A 179 2.36 -4.20 1.45
C THR A 179 2.77 -2.75 1.25
N MET A 180 3.77 -2.30 2.02
CA MET A 180 4.30 -0.96 1.79
C MET A 180 5.00 -0.90 0.44
N ALA A 181 5.80 -1.92 0.12
CA ALA A 181 6.40 -1.99 -1.20
C ALA A 181 5.36 -1.95 -2.30
N ASP A 182 4.27 -2.73 -2.16
CA ASP A 182 3.23 -2.70 -3.19
C ASP A 182 2.75 -1.27 -3.44
N ALA A 183 2.57 -0.51 -2.36
CA ALA A 183 1.89 0.79 -2.41
C ALA A 183 2.81 1.92 -2.88
N LEU A 184 4.11 1.83 -2.62
CA LEU A 184 5.02 2.94 -2.95
C LEU A 184 5.12 3.17 -4.46
N GLN A 185 5.08 4.43 -4.88
CA GLN A 185 5.17 4.80 -6.29
C GLN A 185 6.47 5.56 -6.55
N PRO A 186 7.31 5.14 -7.51
CA PRO A 186 8.54 5.89 -7.79
C PRO A 186 8.23 7.22 -8.45
N CYS A 187 8.99 8.25 -8.08
N CYS A 187 8.99 8.25 -8.06
CA CYS A 187 8.86 9.54 -8.77
CA CYS A 187 8.91 9.57 -8.67
C CYS A 187 10.23 10.21 -8.83
C CYS A 187 10.32 10.10 -8.90
N THR A 188 10.48 10.88 -9.95
CA THR A 188 11.75 11.53 -10.25
C THR A 188 11.51 13.04 -10.35
N PHE A 189 12.40 13.82 -9.76
CA PHE A 189 12.25 15.28 -9.72
C PHE A 189 13.50 15.97 -10.23
N LYS A 190 13.32 16.91 -11.15
CA LYS A 190 14.42 17.65 -11.73
C LYS A 190 14.77 18.87 -10.87
N ASP A 191 15.96 19.42 -11.10
CA ASP A 191 16.39 20.60 -10.37
C ASP A 191 15.31 21.68 -10.39
N LYS A 192 15.03 22.25 -9.21
CA LYS A 192 14.09 23.34 -8.98
C LYS A 192 12.62 22.92 -9.14
N GLU A 193 12.34 21.65 -9.35
CA GLU A 193 10.95 21.21 -9.46
C GLU A 193 10.28 21.19 -8.08
N ILE A 194 9.11 21.80 -7.98
CA ILE A 194 8.34 21.84 -6.74
C ILE A 194 7.58 20.52 -6.59
N VAL A 195 7.63 19.94 -5.39
CA VAL A 195 6.93 18.68 -5.12
C VAL A 195 5.59 18.93 -4.45
N VAL A 196 5.59 19.66 -3.33
CA VAL A 196 4.38 20.15 -2.68
C VAL A 196 4.52 21.65 -2.46
N LYS A 197 3.43 22.37 -2.61
CA LYS A 197 3.42 23.83 -2.61
C LYS A 197 2.74 24.33 -1.35
N GLU A 198 3.40 25.23 -0.63
N GLU A 198 3.41 25.22 -0.62
CA GLU A 198 2.78 25.73 0.59
CA GLU A 198 2.79 25.81 0.55
C GLU A 198 1.45 26.39 0.25
C GLU A 198 1.40 26.32 0.19
N GLY A 199 0.45 26.12 1.10
CA GLY A 199 -0.90 26.59 0.89
C GLY A 199 -1.79 25.64 0.10
N GLU A 200 -1.23 24.71 -0.67
CA GLU A 200 -2.06 23.81 -1.44
C GLU A 200 -2.45 22.58 -0.63
N ASP A 201 -3.53 21.93 -1.05
CA ASP A 201 -4.01 20.75 -0.35
C ASP A 201 -3.01 19.62 -0.46
N GLY A 202 -2.94 18.83 0.61
CA GLY A 202 -2.05 17.68 0.61
C GLY A 202 -2.50 16.65 -0.40
N GLY A 203 -1.55 16.11 -1.17
CA GLY A 203 -1.89 15.08 -2.11
C GLY A 203 -1.18 13.78 -1.79
N SER A 204 0.14 13.84 -1.63
CA SER A 204 0.94 12.64 -1.42
C SER A 204 1.99 12.86 -0.34
N PHE A 205 2.51 11.74 0.13
CA PHE A 205 3.56 11.64 1.13
C PHE A 205 4.80 11.09 0.43
N TYR A 206 5.96 11.66 0.72
CA TYR A 206 7.17 11.34 -0.05
C TYR A 206 8.29 10.89 0.86
N ILE A 207 9.04 9.90 0.40
CA ILE A 207 10.31 9.50 1.04
C ILE A 207 11.42 9.63 0.02
N ILE A 208 12.50 10.32 0.40
CA ILE A 208 13.60 10.54 -0.53
C ILE A 208 14.50 9.29 -0.56
N ILE A 209 14.75 8.79 -1.77
CA ILE A 209 15.75 7.73 -1.95
C ILE A 209 17.13 8.35 -2.12
N ASP A 210 17.26 9.24 -3.10
CA ASP A 210 18.51 9.97 -3.29
C ASP A 210 18.17 11.39 -3.71
N GLY A 211 19.11 12.29 -3.50
CA GLY A 211 18.89 13.68 -3.84
C GLY A 211 18.72 14.56 -2.62
N LYS A 212 18.06 15.69 -2.83
CA LYS A 212 18.06 16.76 -1.83
C LYS A 212 16.84 17.63 -2.10
N MET A 213 16.14 18.02 -1.04
CA MET A 213 15.01 18.95 -1.13
C MET A 213 15.23 20.17 -0.26
N LYS A 214 14.87 21.34 -0.78
CA LYS A 214 14.74 22.52 0.06
C LYS A 214 13.30 22.62 0.57
N VAL A 215 13.15 22.97 1.85
CA VAL A 215 11.85 23.27 2.45
C VAL A 215 11.79 24.77 2.64
N ASN A 216 10.90 25.43 1.90
CA ASN A 216 10.79 26.90 1.86
C ASN A 216 9.43 27.34 2.41
N GLN A 217 9.41 28.50 3.06
CA GLN A 217 8.18 28.96 3.67
C GLN A 217 8.19 30.48 3.54
N THR A 218 7.01 31.05 3.28
N THR A 218 7.01 31.07 3.34
CA THR A 218 6.89 32.50 3.15
CA THR A 218 6.89 32.52 3.08
C THR A 218 6.55 33.16 4.48
C THR A 218 6.41 33.26 4.33
N LEU A 219 7.11 34.34 4.69
CA LEU A 219 6.76 35.12 5.86
C LEU A 219 6.85 36.57 5.39
N ASN A 220 5.77 37.32 5.59
CA ASN A 220 5.73 38.72 5.14
C ASN A 220 6.13 38.83 3.67
N GLY A 221 5.64 37.87 2.87
CA GLY A 221 5.89 37.89 1.45
C GLY A 221 7.30 37.56 1.04
N ARG A 222 8.15 37.11 1.97
CA ARG A 222 9.51 36.73 1.65
C ARG A 222 9.65 35.22 1.86
N ILE A 223 10.30 34.56 0.92
CA ILE A 223 10.54 33.12 1.00
C ILE A 223 11.88 32.89 1.70
N HIS A 224 11.89 32.02 2.71
CA HIS A 224 13.16 31.53 3.23
C HIS A 224 13.16 30.02 3.37
N THR A 225 14.36 29.49 3.36
CA THR A 225 14.57 28.06 3.44
C THR A 225 14.63 27.69 4.93
N ILE A 226 13.72 26.85 5.39
CA ILE A 226 13.66 26.48 6.80
C ILE A 226 14.21 25.10 7.10
N ASN A 227 14.47 24.29 6.07
CA ASN A 227 14.98 22.94 6.32
C ASN A 227 15.57 22.43 5.02
N ILE A 228 16.47 21.45 5.12
CA ILE A 228 17.05 20.77 3.97
C ILE A 228 16.91 19.27 4.21
N LEU A 229 16.37 18.56 3.23
CA LEU A 229 16.09 17.14 3.37
C LEU A 229 16.98 16.34 2.43
N GLY A 230 17.30 15.11 2.84
CA GLY A 230 18.11 14.24 2.00
C GLY A 230 17.67 12.80 2.11
N PRO A 231 18.53 11.89 1.65
CA PRO A 231 18.13 10.47 1.54
C PRO A 231 17.56 9.94 2.85
N LYS A 232 16.43 9.24 2.74
CA LYS A 232 15.69 8.59 3.80
C LYS A 232 14.88 9.59 4.64
N ASP A 233 14.99 10.91 4.41
CA ASP A 233 14.03 11.85 4.99
C ASP A 233 12.72 11.78 4.21
N PHE A 234 11.69 12.40 4.77
CA PHE A 234 10.35 12.30 4.21
C PHE A 234 9.65 13.64 4.38
N PHE A 235 8.53 13.81 3.70
CA PHE A 235 7.81 15.10 3.85
C PHE A 235 6.41 14.93 3.29
N GLY A 236 5.52 15.85 3.66
CA GLY A 236 4.17 15.84 3.13
C GLY A 236 3.18 15.21 4.07
N GLU A 237 3.63 14.78 5.24
CA GLU A 237 2.78 14.04 6.18
C GLU A 237 1.78 14.94 6.90
N MET A 238 2.10 16.22 7.15
CA MET A 238 1.22 16.98 8.02
C MET A 238 -0.11 17.31 7.34
N SER A 239 -0.06 17.68 6.06
CA SER A 239 -1.30 17.94 5.35
C SER A 239 -2.19 16.71 5.36
N LEU A 240 -1.60 15.52 5.25
CA LEU A 240 -2.41 14.32 5.18
C LEU A 240 -2.89 13.89 6.56
N MET A 241 -2.04 14.01 7.59
CA MET A 241 -2.41 13.51 8.91
C MET A 241 -3.51 14.37 9.54
N PHE A 242 -3.50 15.68 9.28
CA PHE A 242 -4.39 16.62 9.94
C PHE A 242 -5.34 17.29 8.98
N ASN A 243 -5.39 16.81 7.73
CA ASN A 243 -6.28 17.34 6.70
C ASN A 243 -6.25 18.87 6.66
N GLN A 244 -5.08 19.38 6.29
CA GLN A 244 -4.86 20.81 6.19
C GLN A 244 -3.94 21.10 5.01
N PRO A 245 -3.82 22.36 4.59
CA PRO A 245 -2.93 22.66 3.47
C PRO A 245 -1.47 22.53 3.91
N CYS A 246 -0.60 22.28 2.94
CA CYS A 246 0.83 22.17 3.22
C CYS A 246 1.37 23.46 3.81
N VAL A 247 2.16 23.34 4.89
CA VAL A 247 2.67 24.53 5.57
C VAL A 247 3.96 25.03 4.94
N ALA A 248 4.44 24.37 3.89
CA ALA A 248 5.71 24.72 3.28
C ALA A 248 5.76 24.19 1.86
N THR A 249 6.70 24.73 1.10
CA THR A 249 6.99 24.29 -0.24
C THR A 249 8.23 23.42 -0.20
N VAL A 250 8.15 22.24 -0.81
CA VAL A 250 9.31 21.36 -0.91
C VAL A 250 9.71 21.28 -2.37
N VAL A 251 10.98 21.59 -2.65
CA VAL A 251 11.46 21.76 -4.02
C VAL A 251 12.78 21.00 -4.20
N SER A 252 12.88 20.26 -5.30
CA SER A 252 14.08 19.48 -5.53
C SER A 252 15.27 20.39 -5.78
N GLU A 253 16.43 20.00 -5.26
CA GLU A 253 17.69 20.71 -5.48
C GLU A 253 18.56 19.72 -6.24
N GLY A 254 18.72 19.95 -7.54
CA GLY A 254 19.26 18.92 -8.38
C GLY A 254 18.21 17.85 -8.61
N VAL A 255 18.64 16.73 -9.20
CA VAL A 255 17.76 15.61 -9.47
C VAL A 255 17.58 14.80 -8.20
N SER A 256 16.33 14.44 -7.91
CA SER A 256 16.00 13.65 -6.74
C SER A 256 15.12 12.49 -7.15
N HIS A 257 15.29 11.36 -6.48
CA HIS A 257 14.44 10.18 -6.68
C HIS A 257 13.72 9.87 -5.38
N CYS A 258 12.41 9.77 -5.47
CA CYS A 258 11.57 9.55 -4.31
C CYS A 258 10.66 8.36 -4.57
N VAL A 259 9.98 7.95 -3.52
CA VAL A 259 8.78 7.14 -3.67
C VAL A 259 7.69 7.83 -2.88
N SER A 260 6.45 7.66 -3.33
CA SER A 260 5.34 8.35 -2.72
C SER A 260 4.18 7.41 -2.38
N LEU A 261 3.37 7.87 -1.43
CA LEU A 261 2.09 7.27 -1.10
C LEU A 261 1.02 8.31 -1.35
N ASP A 262 -0.05 7.92 -2.07
CA ASP A 262 -1.15 8.86 -2.23
C ASP A 262 -1.97 8.90 -0.94
N ARG A 263 -2.86 9.89 -0.85
CA ARG A 263 -3.59 10.13 0.41
C ARG A 263 -4.27 8.85 0.92
N GLU A 264 -4.95 8.14 0.03
CA GLU A 264 -5.68 6.93 0.43
C GLU A 264 -4.73 5.85 0.99
N SER A 265 -3.60 5.62 0.31
CA SER A 265 -2.63 4.63 0.77
C SER A 265 -1.93 5.09 2.05
N PHE A 266 -1.53 6.37 2.10
CA PHE A 266 -0.95 6.88 3.34
C PHE A 266 -1.87 6.60 4.52
N THR A 267 -3.15 6.94 4.38
CA THR A 267 -4.05 6.76 5.51
C THR A 267 -4.21 5.29 5.87
N ALA A 268 -4.33 4.44 4.86
CA ALA A 268 -4.47 3.00 5.09
C ALA A 268 -3.25 2.42 5.81
N LEU A 269 -2.05 2.90 5.48
CA LEU A 269 -0.82 2.29 6.00
C LEU A 269 -0.18 3.11 7.13
N LEU A 270 -0.90 4.09 7.68
CA LEU A 270 -0.29 5.03 8.63
C LEU A 270 0.05 4.37 9.98
N GLY A 271 -0.75 3.39 10.43
CA GLY A 271 -0.59 2.77 11.73
C GLY A 271 0.84 2.61 12.24
N PRO A 272 1.63 1.74 11.61
CA PRO A 272 3.00 1.52 12.09
C PRO A 272 3.95 2.69 11.90
N MET A 273 3.52 3.78 11.26
CA MET A 273 4.40 4.93 11.06
C MET A 273 4.09 6.10 11.96
N GLU A 274 2.91 6.11 12.59
CA GLU A 274 2.39 7.36 13.13
C GLU A 274 3.24 7.89 14.27
N GLU A 275 3.73 7.03 15.16
CA GLU A 275 4.55 7.52 16.27
C GLU A 275 5.84 8.15 15.77
N ILE A 276 6.49 7.51 14.79
CA ILE A 276 7.71 8.09 14.23
C ILE A 276 7.39 9.45 13.59
N LEU A 277 6.29 9.52 12.84
CA LEU A 277 5.91 10.77 12.19
C LEU A 277 5.60 11.86 13.22
N GLN A 278 4.91 11.49 14.31
CA GLN A 278 4.58 12.46 15.35
C GLN A 278 5.83 12.96 16.07
N ARG A 279 6.70 12.04 16.51
CA ARG A 279 7.95 12.44 17.15
C ARG A 279 8.75 13.38 16.25
N ASN A 280 8.86 13.03 14.97
CA ASN A 280 9.69 13.84 14.09
C ASN A 280 9.23 15.29 13.98
N MET A 281 7.94 15.57 14.22
CA MET A 281 7.48 16.95 14.13
C MET A 281 8.12 17.83 15.20
N GLN A 282 8.72 17.24 16.24
CA GLN A 282 9.49 18.01 17.21
C GLN A 282 10.56 18.84 16.53
N ASN A 283 11.12 18.33 15.42
CA ASN A 283 12.18 19.04 14.73
C ASN A 283 11.68 20.26 13.97
N TYR A 284 10.36 20.46 13.89
CA TYR A 284 9.84 21.55 13.09
C TYR A 284 9.74 22.85 13.88
N SER A 285 9.79 22.81 15.20
CA SER A 285 9.70 24.05 15.98
C SER A 285 10.42 23.90 17.32
N ALA A 286 10.97 25.02 17.80
CA ALA A 286 11.53 25.04 19.15
C ALA A 286 10.41 24.85 20.18
N PRO A 287 10.66 24.13 21.27
CA PRO A 287 9.59 23.82 22.22
C PRO A 287 9.37 24.95 23.22
N ARG A 288 8.20 24.91 23.86
CA ARG A 288 7.80 25.90 24.84
C ARG A 288 7.47 25.24 26.19
P CMP B . -1.10 -16.50 1.92
O1P CMP B . -1.27 -17.11 0.49
O2P CMP B . 0.02 -16.84 2.82
O5' CMP B . -2.39 -16.86 2.80
C5' CMP B . -2.73 -16.11 3.96
C4' CMP B . -2.72 -14.66 3.57
O4' CMP B . -2.95 -13.75 4.64
C3' CMP B . -1.40 -14.20 3.01
O3' CMP B . -1.11 -14.80 1.77
C2' CMP B . -1.56 -12.68 3.00
O2' CMP B . -2.23 -12.31 1.80
C1' CMP B . -2.51 -12.46 4.21
N9 CMP B . -1.89 -11.80 5.35
C8 CMP B . -2.42 -10.72 6.02
N7 CMP B . -1.62 -10.43 7.03
C5 CMP B . -0.59 -11.28 6.98
C6 CMP B . 0.51 -11.34 7.79
N6 CMP B . 0.89 -10.55 8.93
N1 CMP B . 1.46 -12.22 7.58
C2 CMP B . 1.30 -13.10 6.54
N3 CMP B . 0.22 -13.05 5.70
C4 CMP B . -0.74 -12.13 5.94
H5'1 CMP B . -2.08 -16.26 4.66
H5'2 CMP B . -3.61 -16.37 4.27
H4' CMP B . -3.41 -14.52 2.89
H3' CMP B . -0.69 -14.44 3.64
H2' CMP B . -0.72 -12.22 3.11
HO2' CMP B . -2.31 -11.47 1.77
H1' CMP B . -3.29 -11.95 3.92
H8 CMP B . -3.24 -10.32 5.85
HN61 CMP B . 1.63 -10.72 9.34
HN62 CMP B . 0.39 -9.92 9.22
H2 CMP B . 1.96 -13.74 6.39
P CMP C . 3.32 19.34 4.83
O1P CMP C . 2.18 18.26 4.33
O2P CMP C . 2.83 20.48 5.61
O5' CMP C . 4.00 19.95 3.52
C5' CMP C . 5.29 20.56 3.63
C4' CMP C . 6.15 19.66 4.46
O4' CMP C . 7.47 20.16 4.74
C3' CMP C . 5.66 19.30 5.83
O3' CMP C . 4.44 18.54 5.80
C2' CMP C . 6.85 18.55 6.40
O2' CMP C . 6.85 17.20 5.90
C1' CMP C . 8.02 19.29 5.71
N9 CMP C . 8.90 20.04 6.63
C8 CMP C . 10.22 19.86 6.74
N7 CMP C . 10.67 20.70 7.66
C5 CMP C . 9.61 21.41 8.10
C6 CMP C . 9.54 22.41 9.04
N6 CMP C . 10.56 23.00 9.87
N1 CMP C . 8.38 22.96 9.33
C2 CMP C . 7.27 22.54 8.68
N3 CMP C . 7.32 21.54 7.75
C4 CMP C . 8.52 21.00 7.47
H5'1 CMP C . 5.20 21.43 4.06
H5'2 CMP C . 5.66 20.66 2.74
H4' CMP C . 6.27 18.83 3.96
H3' CMP C . 5.51 20.11 6.34
H2' CMP C . 6.91 18.61 7.37
HO2' CMP C . 7.47 16.76 6.27
H1' CMP C . 8.57 18.63 5.24
H8 CMP C . 10.73 19.24 6.26
HN61 CMP C . 10.34 23.49 10.53
HN62 CMP C . 11.38 22.86 9.68
H2 CMP C . 6.44 22.94 8.88
#